data_6Y8B
#
_entry.id   6Y8B
#
_cell.length_a   82.797
_cell.length_b   112.964
_cell.length_c   62.446
_cell.angle_alpha   90.000
_cell.angle_beta   90.000
_cell.angle_gamma   90.000
#
_symmetry.space_group_name_H-M   'C 2 2 21'
#
loop_
_entity.id
_entity.type
_entity.pdbx_description
1 polymer '14-3-3 protein sigma'
2 polymer TYR-ASP-LEU-SEP-LEU-PRO-PHE-PRO
3 non-polymer 'MAGNESIUM ION'
4 non-polymer 'CHLORIDE ION'
5 water water
#
loop_
_entity_poly.entity_id
_entity_poly.type
_entity_poly.pdbx_seq_one_letter_code
_entity_poly.pdbx_strand_id
1 'polypeptide(L)'
;GAMGSMERASLIQKAKLAEQAERYEDMAAFMKGAVEKGEELS(CSO)EERNLLSVAYKNVVGGQRAAWRVLSSIEQKSNE
EGSEEKGPEVREYREKVETELQGVCDTVLGLLDSHLIKEAGDAESRVFYLKMKGDYYRYLAEVATGDDKKRIIDSARSAY
QEAMDISKKEMPPTNPIRLGLALNFSVFHYEIANSPEEAISLAKTTFDEAMADLHTLSEDSYKDSTLIMQLLRDNLTLWT
ADNAGEEGGEAPQEPQS
;
A
2 'polypeptide(L)' YDL(SEP)LPFP P
#
# COMPACT_ATOMS: atom_id res chain seq x y z
N GLY A 1 7.21 8.80 21.80
CA GLY A 1 6.79 9.99 21.09
C GLY A 1 5.74 10.81 21.81
N ALA A 2 5.13 11.75 21.08
CA ALA A 2 4.15 12.66 21.65
C ALA A 2 2.90 11.94 22.14
N MET A 3 2.60 10.77 21.60
CA MET A 3 1.45 9.98 22.03
C MET A 3 1.77 9.03 23.17
N GLY A 4 2.99 9.09 23.70
CA GLY A 4 3.39 8.14 24.72
C GLY A 4 2.53 8.18 25.96
N SER A 5 1.95 9.34 26.28
CA SER A 5 1.16 9.47 27.50
CA SER A 5 1.16 9.49 27.50
C SER A 5 -0.32 9.13 27.31
N MET A 6 -0.76 8.84 26.09
CA MET A 6 -2.17 8.55 25.86
C MET A 6 -2.42 7.05 25.85
N GLU A 7 -3.54 6.64 26.46
CA GLU A 7 -3.95 5.24 26.43
C GLU A 7 -4.08 4.71 25.01
N ARG A 8 -3.66 3.46 24.82
CA ARG A 8 -3.85 2.77 23.55
C ARG A 8 -5.30 2.87 23.08
N ALA A 9 -6.26 2.57 23.96
CA ALA A 9 -7.65 2.58 23.55
C ALA A 9 -8.09 3.98 23.15
N SER A 10 -7.56 5.00 23.82
CA SER A 10 -7.89 6.38 23.49
C SER A 10 -7.32 6.78 22.14
N LEU A 11 -6.11 6.30 21.85
CA LEU A 11 -5.52 6.55 20.53
C LEU A 11 -6.38 5.92 19.43
N ILE A 12 -6.85 4.69 19.65
CA ILE A 12 -7.67 4.05 18.62
C ILE A 12 -8.97 4.81 18.44
N GLN A 13 -9.61 5.19 19.54
CA GLN A 13 -10.84 5.97 19.46
C GLN A 13 -10.63 7.27 18.71
N LYS A 14 -9.54 7.98 19.02
CA LYS A 14 -9.28 9.24 18.34
C LYS A 14 -8.91 9.03 16.87
N ALA A 15 -8.24 7.92 16.53
CA ALA A 15 -8.00 7.62 15.12
C ALA A 15 -9.31 7.51 14.36
N LYS A 16 -10.31 6.87 14.97
CA LYS A 16 -11.62 6.72 14.33
C LYS A 16 -12.32 8.07 14.19
N LEU A 17 -12.25 8.92 15.22
CA LEU A 17 -12.80 10.26 15.11
C LEU A 17 -12.10 11.05 14.03
N ALA A 18 -10.76 10.97 13.99
CA ALA A 18 -10.00 11.69 12.98
C ALA A 18 -10.39 11.23 11.58
N GLU A 19 -10.64 9.94 11.40
CA GLU A 19 -11.11 9.45 10.11
C GLU A 19 -12.44 10.10 9.73
N GLN A 20 -13.40 10.13 10.67
CA GLN A 20 -14.69 10.76 10.40
CA GLN A 20 -14.68 10.76 10.38
C GLN A 20 -14.53 12.23 10.05
N ALA A 21 -13.56 12.91 10.67
CA ALA A 21 -13.31 14.31 10.44
C ALA A 21 -12.42 14.57 9.23
N GLU A 22 -11.96 13.51 8.55
CA GLU A 22 -11.02 13.62 7.42
C GLU A 22 -9.74 14.35 7.82
N ARG A 23 -9.29 14.08 9.04
CA ARG A 23 -8.05 14.63 9.59
C ARG A 23 -7.02 13.50 9.57
N TYR A 24 -6.50 13.22 8.37
CA TYR A 24 -5.73 12.00 8.20
C TYR A 24 -4.32 12.09 8.77
N GLU A 25 -3.71 13.28 8.80
CA GLU A 25 -2.44 13.42 9.49
CA GLU A 25 -2.44 13.43 9.49
C GLU A 25 -2.59 13.12 10.98
N ASP A 26 -3.65 13.64 11.61
CA ASP A 26 -3.94 13.29 13.00
C ASP A 26 -4.16 11.78 13.14
N MET A 27 -4.96 11.22 12.23
CA MET A 27 -5.26 9.80 12.28
C MET A 27 -3.97 8.98 12.23
N ALA A 28 -3.04 9.36 11.35
CA ALA A 28 -1.78 8.64 11.24
C ALA A 28 -0.96 8.76 12.52
N ALA A 29 -0.92 9.96 13.10
CA ALA A 29 -0.19 10.15 14.35
C ALA A 29 -0.79 9.32 15.48
N PHE A 30 -2.13 9.25 15.54
CA PHE A 30 -2.76 8.43 16.56
C PHE A 30 -2.44 6.95 16.35
N MET A 31 -2.50 6.47 15.10
CA MET A 31 -2.24 5.05 14.86
C MET A 31 -0.76 4.73 15.05
N LYS A 32 0.13 5.66 14.70
CA LYS A 32 1.55 5.47 15.02
C LYS A 32 1.74 5.32 16.52
N GLY A 33 1.10 6.20 17.29
CA GLY A 33 1.15 6.06 18.74
C GLY A 33 0.64 4.71 19.21
N ALA A 34 -0.45 4.23 18.59
CA ALA A 34 -0.98 2.92 18.98
C ALA A 34 0.02 1.80 18.66
N VAL A 35 0.64 1.84 17.48
CA VAL A 35 1.62 0.81 17.14
C VAL A 35 2.76 0.83 18.15
N GLU A 36 3.21 2.03 18.52
CA GLU A 36 4.34 2.16 19.42
C GLU A 36 4.01 1.72 20.84
N LYS A 37 2.75 1.42 21.16
CA LYS A 37 2.47 0.77 22.44
C LYS A 37 3.06 -0.64 22.50
N GLY A 38 3.38 -1.23 21.35
CA GLY A 38 4.11 -2.50 21.31
C GLY A 38 3.26 -3.73 21.18
N GLU A 39 1.95 -3.60 21.35
CA GLU A 39 1.07 -4.75 21.18
C GLU A 39 0.69 -4.92 19.71
N GLU A 40 0.33 -6.16 19.36
CA GLU A 40 -0.15 -6.43 18.01
C GLU A 40 -1.45 -5.65 17.74
N LEU A 41 -1.75 -5.50 16.45
CA LEU A 41 -2.95 -4.81 16.00
C LEU A 41 -4.02 -5.82 15.59
N SER A 42 -5.26 -5.53 15.92
CA SER A 42 -6.41 -6.31 15.45
C SER A 42 -6.64 -6.03 13.97
N GLU A 44 -9.28 -4.69 12.54
CA GLU A 44 -9.80 -3.33 12.42
C GLU A 44 -8.69 -2.29 12.59
N GLU A 45 -7.79 -2.54 13.55
CA GLU A 45 -6.72 -1.59 13.83
C GLU A 45 -5.70 -1.52 12.69
N ARG A 46 -5.35 -2.68 12.10
CA ARG A 46 -4.51 -2.69 10.90
C ARG A 46 -5.12 -1.84 9.81
N ASN A 47 -6.43 -1.96 9.62
CA ASN A 47 -7.03 -1.19 8.54
C ASN A 47 -7.05 0.30 8.86
N LEU A 48 -7.18 0.68 10.14
CA LEU A 48 -7.09 2.09 10.49
C LEU A 48 -5.70 2.65 10.21
N LEU A 49 -4.67 1.89 10.58
CA LEU A 49 -3.29 2.31 10.28
C LEU A 49 -3.11 2.52 8.79
N SER A 50 -3.61 1.60 7.97
CA SER A 50 -3.40 1.70 6.54
C SER A 50 -4.21 2.84 5.93
N VAL A 51 -5.48 3.00 6.35
CA VAL A 51 -6.29 4.11 5.85
C VAL A 51 -5.61 5.44 6.12
N ALA A 52 -5.10 5.61 7.34
CA ALA A 52 -4.48 6.86 7.72
C ALA A 52 -3.29 7.20 6.82
N TYR A 53 -2.33 6.29 6.74
CA TYR A 53 -1.13 6.61 5.97
C TYR A 53 -1.40 6.63 4.46
N LYS A 54 -2.35 5.82 3.98
CA LYS A 54 -2.70 5.86 2.57
C LYS A 54 -3.17 7.24 2.16
N ASN A 55 -3.98 7.87 3.01
CA ASN A 55 -4.49 9.20 2.72
C ASN A 55 -3.38 10.24 2.83
N VAL A 56 -2.53 10.13 3.85
CA VAL A 56 -1.42 11.08 3.97
C VAL A 56 -0.50 10.98 2.75
N VAL A 57 -0.06 9.77 2.43
CA VAL A 57 0.90 9.62 1.33
C VAL A 57 0.20 9.89 0.00
N GLY A 58 -1.10 9.65 -0.07
CA GLY A 58 -1.82 9.91 -1.31
C GLY A 58 -1.84 11.39 -1.65
N GLY A 59 -2.03 12.24 -0.64
CA GLY A 59 -1.92 13.67 -0.88
C GLY A 59 -0.53 14.07 -1.31
N GLN A 60 0.49 13.48 -0.70
CA GLN A 60 1.87 13.82 -1.04
C GLN A 60 2.20 13.37 -2.45
N ARG A 61 1.77 12.17 -2.84
CA ARG A 61 2.02 11.68 -4.19
C ARG A 61 1.34 12.56 -5.23
N ALA A 62 0.10 12.98 -4.97
CA ALA A 62 -0.60 13.84 -5.91
C ALA A 62 0.14 15.16 -6.07
N ALA A 63 0.58 15.74 -4.95
CA ALA A 63 1.34 16.99 -4.99
C ALA A 63 2.66 16.83 -5.72
N TRP A 64 3.35 15.72 -5.45
CA TRP A 64 4.63 15.49 -6.09
C TRP A 64 4.47 15.39 -7.61
N ARG A 65 3.41 14.74 -8.07
CA ARG A 65 3.18 14.63 -9.51
C ARG A 65 2.90 15.99 -10.14
N VAL A 66 2.10 16.82 -9.48
CA VAL A 66 1.85 18.17 -10.01
C VAL A 66 3.17 18.93 -10.14
N LEU A 67 3.99 18.88 -9.08
CA LEU A 67 5.22 19.68 -9.07
C LEU A 67 6.24 19.12 -10.04
N SER A 68 6.36 17.79 -10.12
CA SER A 68 7.28 17.17 -11.06
CA SER A 68 7.28 17.17 -11.06
C SER A 68 6.89 17.49 -12.50
N SER A 69 5.59 17.55 -12.77
CA SER A 69 5.13 17.90 -14.11
C SER A 69 5.47 19.34 -14.45
N ILE A 70 5.24 20.26 -13.51
CA ILE A 70 5.62 21.66 -13.74
C ILE A 70 7.13 21.77 -13.92
N GLU A 71 7.89 21.03 -13.12
CA GLU A 71 9.34 21.07 -13.22
C GLU A 71 9.82 20.56 -14.58
N GLN A 72 9.20 19.50 -15.09
CA GLN A 72 9.64 18.95 -16.37
C GLN A 72 9.26 19.88 -17.52
N LYS A 73 8.08 20.50 -17.44
CA LYS A 73 7.73 21.54 -18.41
C LYS A 73 8.73 22.70 -18.34
N SER A 74 9.13 23.08 -17.13
CA SER A 74 10.10 24.16 -16.92
C SER A 74 11.44 23.91 -17.60
N ASN A 75 11.72 22.67 -18.02
CA ASN A 75 13.02 22.32 -18.59
C ASN A 75 12.92 21.91 -20.06
N GLU A 76 11.96 22.48 -20.78
CA GLU A 76 11.80 22.18 -22.20
C GLU A 76 12.59 23.17 -23.06
N GLY A 83 14.40 30.01 -12.30
CA GLY A 83 14.95 29.95 -10.95
C GLY A 83 14.86 28.57 -10.34
N PRO A 84 15.46 28.40 -9.16
CA PRO A 84 15.47 27.08 -8.51
C PRO A 84 14.18 26.72 -7.79
N GLU A 85 13.15 27.57 -7.82
CA GLU A 85 12.05 27.42 -6.86
C GLU A 85 11.24 26.15 -7.10
N VAL A 86 10.97 25.80 -8.37
CA VAL A 86 10.16 24.61 -8.63
C VAL A 86 10.90 23.36 -8.17
N ARG A 87 12.19 23.25 -8.52
CA ARG A 87 12.98 22.13 -8.05
C ARG A 87 13.05 22.09 -6.53
N GLU A 88 13.26 23.25 -5.89
CA GLU A 88 13.36 23.27 -4.43
C GLU A 88 12.07 22.74 -3.80
N TYR A 89 10.93 23.22 -4.28
CA TYR A 89 9.67 22.88 -3.64
C TYR A 89 9.28 21.43 -3.95
N ARG A 90 9.53 20.97 -5.18
CA ARG A 90 9.37 19.55 -5.49
C ARG A 90 10.24 18.69 -4.58
N GLU A 91 11.49 19.10 -4.37
CA GLU A 91 12.38 18.38 -3.46
C GLU A 91 11.82 18.37 -2.03
N LYS A 92 11.25 19.49 -1.58
CA LYS A 92 10.69 19.54 -0.23
C LYS A 92 9.57 18.53 -0.08
N VAL A 93 8.64 18.52 -1.04
CA VAL A 93 7.51 17.60 -0.98
C VAL A 93 8.02 16.17 -1.10
N GLU A 94 8.99 15.94 -1.98
CA GLU A 94 9.56 14.60 -2.15
C GLU A 94 10.16 14.10 -0.84
N THR A 95 10.94 14.94 -0.18
CA THR A 95 11.56 14.56 1.09
CA THR A 95 11.55 14.55 1.08
C THR A 95 10.50 14.25 2.14
N GLU A 96 9.42 15.03 2.18
CA GLU A 96 8.36 14.75 3.14
CA GLU A 96 8.34 14.77 3.12
C GLU A 96 7.66 13.44 2.81
N LEU A 97 7.44 13.17 1.53
CA LEU A 97 6.87 11.90 1.10
C LEU A 97 7.78 10.74 1.51
N GLN A 98 9.07 10.87 1.25
CA GLN A 98 10.01 9.83 1.64
C GLN A 98 9.99 9.62 3.14
N GLY A 99 9.87 10.70 3.90
CA GLY A 99 9.83 10.57 5.36
C GLY A 99 8.62 9.81 5.85
N VAL A 100 7.45 10.05 5.25
CA VAL A 100 6.26 9.29 5.61
C VAL A 100 6.43 7.82 5.28
N CYS A 101 6.96 7.53 4.10
CA CYS A 101 7.17 6.14 3.71
C CYS A 101 8.15 5.47 4.66
N ASP A 102 9.23 6.18 5.03
CA ASP A 102 10.20 5.64 5.98
C ASP A 102 9.56 5.39 7.34
N THR A 103 8.66 6.28 7.76
CA THR A 103 7.96 6.10 9.02
C THR A 103 7.12 4.82 9.00
N VAL A 104 6.32 4.64 7.94
CA VAL A 104 5.50 3.44 7.81
C VAL A 104 6.37 2.20 7.79
N LEU A 105 7.41 2.20 6.95
CA LEU A 105 8.32 1.06 6.90
C LEU A 105 8.96 0.81 8.25
N GLY A 106 9.24 1.88 9.00
CA GLY A 106 9.80 1.70 10.34
C GLY A 106 8.84 0.99 11.27
N LEU A 107 7.56 1.37 11.22
CA LEU A 107 6.56 0.71 12.06
C LEU A 107 6.43 -0.76 11.70
N LEU A 108 6.43 -1.07 10.40
CA LEU A 108 6.32 -2.46 9.98
C LEU A 108 7.52 -3.26 10.46
N ASP A 109 8.69 -2.63 10.48
CA ASP A 109 9.93 -3.25 10.93
C ASP A 109 10.11 -3.19 12.44
N SER A 110 9.20 -2.55 13.18
CA SER A 110 9.43 -2.37 14.61
C SER A 110 8.08 -2.28 15.37
N HIS A 111 7.42 -3.43 15.55
CA HIS A 111 7.87 -4.75 15.14
C HIS A 111 6.68 -5.52 14.58
N LEU A 112 5.88 -4.87 13.74
CA LEU A 112 4.61 -5.45 13.32
C LEU A 112 4.82 -6.74 12.52
N ILE A 113 5.71 -6.72 11.54
CA ILE A 113 5.92 -7.92 10.73
C ILE A 113 6.52 -9.05 11.57
N LYS A 114 7.50 -8.72 12.41
CA LYS A 114 8.18 -9.74 13.19
C LYS A 114 7.19 -10.53 14.05
N GLU A 115 6.20 -9.86 14.63
CA GLU A 115 5.27 -10.50 15.54
C GLU A 115 4.02 -11.02 14.85
N ALA A 116 3.88 -10.79 13.54
CA ALA A 116 2.71 -11.21 12.78
C ALA A 116 2.90 -12.68 12.37
N GLY A 117 2.12 -13.57 12.99
CA GLY A 117 2.22 -14.98 12.72
C GLY A 117 1.08 -15.54 11.88
N ASP A 118 -0.11 -14.98 12.01
CA ASP A 118 -1.23 -15.42 11.20
C ASP A 118 -1.12 -14.89 9.78
N ALA A 119 -1.68 -15.64 8.84
CA ALA A 119 -1.59 -15.23 7.44
C ALA A 119 -2.25 -13.88 7.19
N GLU A 120 -3.42 -13.65 7.80
CA GLU A 120 -4.16 -12.41 7.53
C GLU A 120 -3.35 -11.19 7.96
N SER A 121 -2.64 -11.28 9.07
CA SER A 121 -1.85 -10.14 9.52
C SER A 121 -0.52 -10.05 8.77
N ARG A 122 0.18 -11.17 8.59
CA ARG A 122 1.49 -11.12 7.95
C ARG A 122 1.38 -10.68 6.49
N VAL A 123 0.40 -11.22 5.75
CA VAL A 123 0.20 -10.80 4.36
C VAL A 123 -0.15 -9.33 4.29
N PHE A 124 -1.04 -8.88 5.19
CA PHE A 124 -1.41 -7.47 5.21
C PHE A 124 -0.18 -6.57 5.37
N TYR A 125 0.68 -6.90 6.34
CA TYR A 125 1.84 -6.06 6.61
C TYR A 125 2.86 -6.14 5.49
N LEU A 126 3.07 -7.34 4.93
CA LEU A 126 4.05 -7.46 3.86
C LEU A 126 3.56 -6.75 2.60
N LYS A 127 2.26 -6.80 2.33
CA LYS A 127 1.70 -6.01 1.24
C LYS A 127 1.95 -4.52 1.47
N MET A 128 1.72 -4.06 2.71
CA MET A 128 1.99 -2.65 3.02
CA MET A 128 1.99 -2.66 3.02
C MET A 128 3.45 -2.31 2.77
N LYS A 129 4.37 -3.20 3.19
CA LYS A 129 5.78 -2.97 2.96
C LYS A 129 6.08 -2.83 1.48
N GLY A 130 5.51 -3.73 0.67
CA GLY A 130 5.66 -3.58 -0.78
C GLY A 130 5.11 -2.26 -1.29
N ASP A 131 3.92 -1.88 -0.81
CA ASP A 131 3.29 -0.63 -1.23
C ASP A 131 4.17 0.57 -0.93
N TYR A 132 4.72 0.65 0.28
CA TYR A 132 5.45 1.87 0.64
C TYR A 132 6.85 1.89 0.04
N TYR A 133 7.48 0.72 -0.19
CA TYR A 133 8.66 0.75 -1.04
C TYR A 133 8.30 1.16 -2.46
N ARG A 134 7.12 0.75 -2.94
CA ARG A 134 6.69 1.16 -4.28
C ARG A 134 6.53 2.68 -4.36
N TYR A 135 5.97 3.30 -3.31
CA TYR A 135 5.87 4.75 -3.35
C TYR A 135 7.24 5.41 -3.31
N LEU A 136 8.18 4.82 -2.57
CA LEU A 136 9.56 5.32 -2.66
C LEU A 136 10.11 5.16 -4.06
N ALA A 137 9.79 4.05 -4.74
CA ALA A 137 10.31 3.83 -6.08
C ALA A 137 9.76 4.84 -7.08
N GLU A 138 8.54 5.33 -6.85
CA GLU A 138 7.94 6.27 -7.79
C GLU A 138 8.75 7.56 -7.88
N VAL A 139 9.47 7.93 -6.82
CA VAL A 139 10.23 9.17 -6.80
C VAL A 139 11.73 8.94 -6.83
N ALA A 140 12.18 7.69 -6.93
CA ALA A 140 13.61 7.38 -6.91
C ALA A 140 14.19 7.43 -8.33
N THR A 141 15.51 7.63 -8.39
CA THR A 141 16.14 7.76 -9.70
C THR A 141 17.26 6.74 -9.94
N GLY A 142 18.42 6.95 -9.35
CA GLY A 142 19.62 6.19 -9.72
C GLY A 142 20.14 5.32 -8.60
N ASP A 143 20.52 4.09 -8.96
CA ASP A 143 21.08 3.11 -8.02
C ASP A 143 20.11 2.82 -6.88
N ASP A 144 19.76 3.87 -6.12
CA ASP A 144 18.75 3.73 -5.09
C ASP A 144 17.47 3.14 -5.66
N LYS A 145 17.08 3.54 -6.87
CA LYS A 145 15.85 3.04 -7.46
C LYS A 145 15.90 1.52 -7.60
N LYS A 146 17.02 0.99 -8.06
CA LYS A 146 17.13 -0.46 -8.22
C LYS A 146 16.95 -1.18 -6.89
N ARG A 147 17.59 -0.69 -5.83
CA ARG A 147 17.51 -1.38 -4.55
C ARG A 147 16.10 -1.25 -3.96
N ILE A 148 15.48 -0.08 -4.12
CA ILE A 148 14.12 0.13 -3.62
C ILE A 148 13.15 -0.79 -4.35
N ILE A 149 13.28 -0.90 -5.67
CA ILE A 149 12.43 -1.79 -6.44
C ILE A 149 12.59 -3.23 -5.98
N ASP A 150 13.83 -3.66 -5.71
CA ASP A 150 14.00 -5.02 -5.25
CA ASP A 150 14.04 -5.02 -5.23
C ASP A 150 13.40 -5.24 -3.86
N SER A 151 13.49 -4.24 -2.98
CA SER A 151 12.84 -4.35 -1.67
C SER A 151 11.33 -4.46 -1.82
N ALA A 152 10.72 -3.66 -2.70
CA ALA A 152 9.29 -3.81 -2.96
C ALA A 152 8.97 -5.20 -3.47
N ARG A 153 9.72 -5.66 -4.46
CA ARG A 153 9.47 -6.96 -5.05
CA ARG A 153 9.47 -6.96 -5.05
C ARG A 153 9.55 -8.07 -4.01
N SER A 154 10.58 -8.02 -3.16
CA SER A 154 10.78 -9.06 -2.15
CA SER A 154 10.78 -9.06 -2.15
C SER A 154 9.62 -9.11 -1.17
N ALA A 155 9.13 -7.94 -0.75
CA ALA A 155 8.03 -7.91 0.20
C ALA A 155 6.76 -8.47 -0.42
N TYR A 156 6.44 -8.03 -1.64
CA TYR A 156 5.27 -8.55 -2.33
C TYR A 156 5.40 -10.05 -2.57
N GLN A 157 6.60 -10.51 -2.93
CA GLN A 157 6.77 -11.93 -3.24
C GLN A 157 6.56 -12.80 -2.01
N GLU A 158 7.12 -12.40 -0.85
CA GLU A 158 6.84 -13.14 0.37
CA GLU A 158 6.85 -13.11 0.39
C GLU A 158 5.35 -13.13 0.69
N ALA A 159 4.70 -11.97 0.55
CA ALA A 159 3.27 -11.91 0.79
C ALA A 159 2.49 -12.84 -0.13
N MET A 160 2.89 -12.87 -1.41
CA MET A 160 2.24 -13.75 -2.38
C MET A 160 2.42 -15.21 -1.99
N ASP A 161 3.65 -15.59 -1.63
CA ASP A 161 3.90 -16.99 -1.28
C ASP A 161 3.01 -17.43 -0.13
N ILE A 162 2.90 -16.59 0.91
CA ILE A 162 2.05 -16.93 2.04
C ILE A 162 0.59 -16.98 1.63
N SER A 163 0.14 -16.01 0.82
CA SER A 163 -1.29 -15.96 0.51
CA SER A 163 -1.29 -15.94 0.49
C SER A 163 -1.73 -17.13 -0.34
N LYS A 164 -0.86 -17.64 -1.21
CA LYS A 164 -1.25 -18.77 -2.04
C LYS A 164 -1.27 -20.06 -1.23
N LYS A 165 -0.44 -20.15 -0.20
CA LYS A 165 -0.44 -21.33 0.65
C LYS A 165 -1.57 -21.31 1.67
N GLU A 166 -1.93 -20.13 2.18
CA GLU A 166 -2.77 -20.05 3.37
C GLU A 166 -4.15 -19.46 3.17
N MET A 167 -4.43 -18.84 2.03
CA MET A 167 -5.71 -18.18 1.85
C MET A 167 -6.40 -18.70 0.60
N PRO A 168 -7.74 -18.71 0.59
CA PRO A 168 -8.46 -19.07 -0.64
C PRO A 168 -8.27 -18.01 -1.71
N PRO A 169 -8.44 -18.36 -2.98
CA PRO A 169 -8.18 -17.39 -4.05
C PRO A 169 -9.17 -16.23 -4.09
N THR A 170 -10.29 -16.28 -3.36
CA THR A 170 -11.20 -15.15 -3.26
C THR A 170 -10.94 -14.26 -2.06
N ASN A 171 -9.99 -14.61 -1.21
CA ASN A 171 -9.74 -13.83 -0.01
CA ASN A 171 -9.74 -13.83 -0.01
C ASN A 171 -9.42 -12.40 -0.40
N PRO A 172 -10.14 -11.41 0.13
CA PRO A 172 -9.90 -10.02 -0.32
CA PRO A 172 -9.90 -10.02 -0.32
C PRO A 172 -8.49 -9.52 -0.05
N ILE A 173 -7.85 -9.97 1.03
CA ILE A 173 -6.46 -9.56 1.25
C ILE A 173 -5.58 -10.11 0.14
N ARG A 174 -5.78 -11.38 -0.20
CA ARG A 174 -5.03 -12.01 -1.29
C ARG A 174 -5.30 -11.30 -2.61
N LEU A 175 -6.56 -10.96 -2.88
CA LEU A 175 -6.91 -10.29 -4.13
C LEU A 175 -6.28 -8.89 -4.19
N GLY A 176 -6.35 -8.14 -3.10
CA GLY A 176 -5.79 -6.80 -3.12
C GLY A 176 -4.27 -6.80 -3.27
N LEU A 177 -3.62 -7.79 -2.65
CA LEU A 177 -2.18 -7.96 -2.82
C LEU A 177 -1.84 -8.27 -4.27
N ALA A 178 -2.57 -9.20 -4.89
CA ALA A 178 -2.30 -9.52 -6.29
C ALA A 178 -2.51 -8.29 -7.17
N LEU A 179 -3.58 -7.52 -6.91
CA LEU A 179 -3.81 -6.30 -7.67
C LEU A 179 -2.62 -5.36 -7.57
N ASN A 180 -2.12 -5.13 -6.36
CA ASN A 180 -1.05 -4.17 -6.18
C ASN A 180 0.28 -4.69 -6.70
N PHE A 181 0.55 -5.98 -6.54
CA PHE A 181 1.78 -6.54 -7.12
C PHE A 181 1.74 -6.46 -8.63
N SER A 182 0.58 -6.70 -9.22
CA SER A 182 0.43 -6.55 -10.66
CA SER A 182 0.45 -6.55 -10.66
C SER A 182 0.70 -5.10 -11.08
N VAL A 183 0.19 -4.14 -10.31
CA VAL A 183 0.46 -2.73 -10.60
C VAL A 183 1.94 -2.43 -10.45
N PHE A 184 2.60 -2.99 -9.43
CA PHE A 184 4.04 -2.87 -9.31
C PHE A 184 4.74 -3.34 -10.60
N HIS A 185 4.36 -4.51 -11.10
CA HIS A 185 4.99 -5.01 -12.33
C HIS A 185 4.78 -4.04 -13.49
N TYR A 186 3.58 -3.47 -13.60
CA TYR A 186 3.26 -2.62 -14.75
C TYR A 186 3.91 -1.26 -14.65
N GLU A 187 3.79 -0.61 -13.48
CA GLU A 187 4.13 0.80 -13.31
C GLU A 187 5.56 1.04 -12.85
N ILE A 188 6.15 0.08 -12.15
CA ILE A 188 7.45 0.25 -11.52
C ILE A 188 8.52 -0.61 -12.20
N ALA A 189 8.22 -1.90 -12.38
CA ALA A 189 9.22 -2.87 -12.78
C ALA A 189 9.32 -3.06 -14.29
N ASN A 190 8.57 -2.29 -15.07
CA ASN A 190 8.64 -2.38 -16.54
C ASN A 190 8.36 -3.80 -17.02
N SER A 191 7.42 -4.48 -16.37
CA SER A 191 7.05 -5.85 -16.71
CA SER A 191 7.05 -5.85 -16.71
C SER A 191 5.55 -5.95 -16.96
N PRO A 192 5.05 -5.28 -18.00
CA PRO A 192 3.59 -5.33 -18.24
C PRO A 192 3.08 -6.72 -18.51
N GLU A 193 3.86 -7.60 -19.13
CA GLU A 193 3.33 -8.95 -19.39
C GLU A 193 3.13 -9.72 -18.07
N GLU A 194 4.06 -9.57 -17.13
CA GLU A 194 3.87 -10.18 -15.82
C GLU A 194 2.67 -9.57 -15.10
N ALA A 195 2.50 -8.25 -15.21
CA ALA A 195 1.34 -7.58 -14.63
C ALA A 195 0.04 -8.17 -15.17
N ILE A 196 -0.04 -8.34 -16.48
CA ILE A 196 -1.25 -8.87 -17.11
C ILE A 196 -1.46 -10.32 -16.71
N SER A 197 -0.40 -11.14 -16.78
CA SER A 197 -0.51 -12.55 -16.41
CA SER A 197 -0.52 -12.54 -16.41
C SER A 197 -1.00 -12.69 -14.97
N LEU A 198 -0.42 -11.91 -14.06
CA LEU A 198 -0.82 -12.02 -12.65
C LEU A 198 -2.27 -11.60 -12.44
N ALA A 199 -2.68 -10.49 -13.07
CA ALA A 199 -4.06 -10.05 -12.88
C ALA A 199 -5.05 -11.04 -13.48
N LYS A 200 -4.73 -11.59 -14.66
CA LYS A 200 -5.64 -12.54 -15.31
C LYS A 200 -5.75 -13.82 -14.51
N THR A 201 -4.62 -14.42 -14.14
CA THR A 201 -4.66 -15.65 -13.35
C THR A 201 -5.37 -15.41 -12.01
N THR A 202 -5.11 -14.28 -11.37
CA THR A 202 -5.81 -13.97 -10.13
C THR A 202 -7.31 -13.89 -10.35
N PHE A 203 -7.72 -13.18 -11.40
CA PHE A 203 -9.15 -13.04 -11.68
C PHE A 203 -9.79 -14.40 -11.93
N ASP A 204 -9.15 -15.21 -12.77
CA ASP A 204 -9.73 -16.48 -13.18
C ASP A 204 -9.84 -17.43 -12.01
N GLU A 205 -8.82 -17.46 -11.15
CA GLU A 205 -8.85 -18.36 -10.00
C GLU A 205 -9.87 -17.92 -8.96
N ALA A 206 -10.10 -16.60 -8.83
CA ALA A 206 -11.15 -16.14 -7.93
C ALA A 206 -12.53 -16.45 -8.50
N MET A 207 -12.72 -16.24 -9.80
CA MET A 207 -13.99 -16.54 -10.45
C MET A 207 -14.47 -17.96 -10.10
N ALA A 208 -13.55 -18.92 -10.17
CA ALA A 208 -13.88 -20.32 -9.99
C ALA A 208 -14.21 -20.68 -8.55
N ASP A 209 -13.89 -19.79 -7.59
CA ASP A 209 -14.15 -19.98 -6.17
C ASP A 209 -15.34 -19.16 -5.67
N LEU A 210 -15.93 -18.32 -6.51
CA LEU A 210 -17.04 -17.48 -6.06
C LEU A 210 -18.22 -18.31 -5.56
N HIS A 211 -18.41 -19.49 -6.12
CA HIS A 211 -19.56 -20.32 -5.74
C HIS A 211 -19.55 -20.70 -4.27
N THR A 212 -18.40 -20.59 -3.60
CA THR A 212 -18.26 -20.97 -2.20
C THR A 212 -18.66 -19.86 -1.24
N LEU A 213 -18.96 -18.67 -1.75
CA LEU A 213 -19.01 -17.46 -0.94
C LEU A 213 -20.43 -17.08 -0.55
N SER A 214 -20.56 -16.58 0.68
CA SER A 214 -21.78 -15.95 1.14
C SER A 214 -22.03 -14.66 0.35
N GLU A 215 -23.24 -14.12 0.50
CA GLU A 215 -23.61 -12.89 -0.19
C GLU A 215 -22.61 -11.77 0.10
N ASP A 216 -22.23 -11.60 1.37
CA ASP A 216 -21.36 -10.49 1.70
C ASP A 216 -19.92 -10.73 1.25
N SER A 217 -19.43 -11.97 1.39
CA SER A 217 -18.09 -12.29 0.89
C SER A 217 -18.04 -12.19 -0.62
N TYR A 218 -19.12 -12.60 -1.30
CA TYR A 218 -19.21 -12.46 -2.74
C TYR A 218 -19.06 -11.00 -3.16
N LYS A 219 -19.77 -10.09 -2.47
CA LYS A 219 -19.66 -8.67 -2.79
C LYS A 219 -18.23 -8.16 -2.61
N ASP A 220 -17.57 -8.56 -1.52
CA ASP A 220 -16.21 -8.07 -1.27
C ASP A 220 -15.24 -8.57 -2.33
N SER A 221 -15.32 -9.86 -2.67
CA SER A 221 -14.37 -10.42 -3.64
C SER A 221 -14.64 -9.91 -5.04
N THR A 222 -15.91 -9.83 -5.45
CA THR A 222 -16.17 -9.38 -6.81
C THR A 222 -15.79 -7.91 -6.99
N LEU A 223 -15.87 -7.10 -5.93
CA LEU A 223 -15.44 -5.72 -6.04
C LEU A 223 -13.98 -5.64 -6.48
N ILE A 224 -13.11 -6.41 -5.82
CA ILE A 224 -11.70 -6.35 -6.20
C ILE A 224 -11.46 -7.05 -7.53
N MET A 225 -12.23 -8.09 -7.84
CA MET A 225 -12.12 -8.70 -9.16
C MET A 225 -12.41 -7.68 -10.26
N GLN A 226 -13.40 -6.80 -10.03
CA GLN A 226 -13.69 -5.77 -11.01
C GLN A 226 -12.51 -4.82 -11.17
N LEU A 227 -11.83 -4.48 -10.08
CA LEU A 227 -10.62 -3.67 -10.20
C LEU A 227 -9.55 -4.35 -11.04
N LEU A 228 -9.33 -5.65 -10.83
CA LEU A 228 -8.42 -6.40 -11.68
C LEU A 228 -8.84 -6.32 -13.14
N ARG A 229 -10.14 -6.53 -13.40
CA ARG A 229 -10.66 -6.45 -14.76
CA ARG A 229 -10.64 -6.45 -14.77
C ARG A 229 -10.43 -5.06 -15.36
N ASP A 230 -10.63 -4.02 -14.54
CA ASP A 230 -10.45 -2.64 -15.03
C ASP A 230 -9.03 -2.43 -15.52
N ASN A 231 -8.05 -2.94 -14.78
CA ASN A 231 -6.66 -2.78 -15.20
C ASN A 231 -6.36 -3.62 -16.42
N LEU A 232 -6.89 -4.84 -16.47
CA LEU A 232 -6.68 -5.68 -17.65
C LEU A 232 -7.23 -5.02 -18.89
N THR A 233 -8.40 -4.39 -18.76
CA THR A 233 -9.00 -3.68 -19.90
C THR A 233 -8.12 -2.53 -20.32
N LEU A 234 -7.58 -1.79 -19.36
CA LEU A 234 -6.69 -0.67 -19.67
CA LEU A 234 -6.69 -0.67 -19.68
C LEU A 234 -5.41 -1.15 -20.34
N TRP A 235 -4.91 -2.32 -19.97
CA TRP A 235 -3.60 -2.79 -20.39
C TRP A 235 -3.63 -3.65 -21.65
N THR A 236 -4.79 -4.12 -22.09
CA THR A 236 -4.84 -5.08 -23.18
C THR A 236 -5.73 -4.58 -24.33
N TYR B 1 0.03 5.46 -11.24
CA TYR B 1 -0.80 5.76 -10.10
C TYR B 1 -2.28 5.55 -10.43
N ASP B 2 -3.11 5.52 -9.39
CA ASP B 2 -4.56 5.33 -9.48
C ASP B 2 -4.96 3.98 -10.09
N LEU B 3 -4.04 3.02 -10.16
CA LEU B 3 -4.35 1.66 -10.61
C LEU B 3 -4.44 0.66 -9.45
N LEU B 5 -5.08 -0.69 -5.33
CA LEU B 5 -6.24 -0.86 -4.47
C LEU B 5 -6.59 0.47 -3.82
N PRO B 6 -7.84 0.92 -3.96
CA PRO B 6 -8.23 2.22 -3.40
C PRO B 6 -8.65 2.19 -1.94
N PHE B 7 -8.37 1.10 -1.23
CA PHE B 7 -8.56 0.98 0.20
C PHE B 7 -7.47 0.05 0.72
N PRO B 8 -7.37 -0.12 2.06
CA PRO B 8 -6.30 -0.99 2.58
C PRO B 8 -6.30 -2.43 2.06
#